data_2RBN
#
_entry.id   2RBN
#
_cell.length_a   60.131
_cell.length_b   60.131
_cell.length_c   96.886
_cell.angle_alpha   90.00
_cell.angle_beta   90.00
_cell.angle_gamma   120.00
#
_symmetry.space_group_name_H-M   'P 32 2 1'
#
loop_
_entity.id
_entity.type
_entity.pdbx_description
1 polymer Lysozyme
2 non-polymer 'PHOSPHATE ION'
3 non-polymer (phenylamino)acetonitrile
4 water water
#
_entity_poly.entity_id   1
_entity_poly.type   'polypeptide(L)'
_entity_poly.pdbx_seq_one_letter_code
;MNIFEMLRIDEGLRLKIYKDTEGYYTIGIGHLLTKSPSLNAAKSELDKAIGRNCNGVITKDEAEKLFNQDVDAAVRGILR
NAKLKPVYDSLDAVRRCAAINQVFQMGETGVAGFTNSLRMLQQKRWDEAAVNLAKSRWYNQTPNRAKRVITTFRTGTWDA
YK
;
_entity_poly.pdbx_strand_id   A
#
# COMPACT_ATOMS: atom_id res chain seq x y z
N MET A 1 11.50 -11.94 5.00
CA MET A 1 10.46 -11.00 4.49
CA MET A 1 10.40 -11.04 4.50
C MET A 1 9.77 -10.26 5.63
N ASN A 2 9.42 -9.01 5.36
CA ASN A 2 8.70 -8.14 6.29
C ASN A 2 7.97 -7.10 5.44
N ILE A 3 7.20 -6.23 6.08
CA ILE A 3 6.38 -5.27 5.34
C ILE A 3 7.21 -4.34 4.44
N PHE A 4 8.41 -3.96 4.90
CA PHE A 4 9.25 -3.08 4.09
C PHE A 4 9.74 -3.78 2.84
N GLU A 5 10.23 -5.01 2.99
CA GLU A 5 10.71 -5.77 1.85
CA GLU A 5 10.70 -5.79 1.85
C GLU A 5 9.57 -6.10 0.87
N MET A 6 8.40 -6.38 1.41
CA MET A 6 7.21 -6.70 0.63
C MET A 6 6.77 -5.52 -0.24
N LEU A 7 6.59 -4.36 0.40
CA LEU A 7 6.20 -3.18 -0.34
C LEU A 7 7.30 -2.68 -1.29
N ARG A 8 8.57 -2.89 -0.92
CA ARG A 8 9.65 -2.54 -1.83
C ARG A 8 9.57 -3.35 -3.13
N ILE A 9 9.21 -4.62 -3.02
CA ILE A 9 8.99 -5.44 -4.19
C ILE A 9 7.80 -4.94 -5.02
N ASP A 10 6.68 -4.66 -4.36
CA ASP A 10 5.45 -4.32 -5.06
C ASP A 10 5.48 -2.91 -5.66
N GLU A 11 6.19 -1.99 -5.00
CA GLU A 11 6.18 -0.58 -5.41
C GLU A 11 7.40 -0.17 -6.20
N GLY A 12 8.51 -0.91 -6.06
CA GLY A 12 9.77 -0.50 -6.68
C GLY A 12 10.42 0.67 -5.98
N LEU A 13 11.49 1.17 -6.56
CA LEU A 13 12.17 2.37 -6.07
C LEU A 13 12.61 3.20 -7.27
N ARG A 14 12.07 4.42 -7.35
CA ARG A 14 12.45 5.35 -8.41
C ARG A 14 12.73 6.71 -7.79
N LEU A 15 13.85 7.32 -8.17
CA LEU A 15 14.32 8.53 -7.52
C LEU A 15 13.86 9.82 -8.19
N LYS A 16 13.25 9.69 -9.36
CA LYS A 16 12.69 10.83 -10.08
C LYS A 16 11.18 10.70 -10.11
N ILE A 17 10.47 11.82 -10.15
CA ILE A 17 9.01 11.80 -10.23
C ILE A 17 8.57 10.92 -11.40
N TYR A 18 7.64 10.01 -11.12
CA TYR A 18 7.07 9.12 -12.13
C TYR A 18 5.56 9.07 -11.91
N LYS A 19 4.84 8.50 -12.87
CA LYS A 19 3.42 8.30 -12.70
C LYS A 19 3.15 6.88 -12.25
N ASP A 20 2.32 6.73 -11.23
CA ASP A 20 1.94 5.42 -10.72
C ASP A 20 0.99 4.70 -11.70
N THR A 21 0.46 3.54 -11.29
CA THR A 21 -0.38 2.70 -12.15
CA THR A 21 -0.33 2.75 -12.23
C THR A 21 -1.68 3.43 -12.56
N GLU A 22 -2.07 4.41 -11.75
CA GLU A 22 -3.30 5.16 -12.00
C GLU A 22 -3.02 6.48 -12.73
N GLY A 23 -1.75 6.72 -13.06
CA GLY A 23 -1.36 7.93 -13.78
C GLY A 23 -1.04 9.13 -12.89
N TYR A 24 -0.83 8.90 -11.60
CA TYR A 24 -0.61 9.98 -10.64
C TYR A 24 0.86 10.15 -10.29
N TYR A 25 1.29 11.40 -10.20
CA TYR A 25 2.67 11.71 -9.84
C TYR A 25 3.05 11.15 -8.48
N THR A 26 4.19 10.47 -8.47
CA THR A 26 4.66 9.62 -7.37
C THR A 26 6.19 9.69 -7.37
N ILE A 27 6.80 9.35 -6.24
CA ILE A 27 8.25 9.24 -6.19
C ILE A 27 8.65 8.19 -5.17
N GLY A 28 9.87 7.73 -5.26
CA GLY A 28 10.41 6.86 -4.25
C GLY A 28 9.82 5.47 -4.33
N ILE A 29 9.40 4.99 -3.19
CA ILE A 29 8.78 3.68 -3.02
C ILE A 29 7.26 3.87 -2.90
N GLY A 30 6.68 4.26 -4.01
CA GLY A 30 5.25 4.46 -4.02
C GLY A 30 4.72 5.59 -3.20
N HIS A 31 5.48 6.66 -3.09
CA HIS A 31 4.99 7.83 -2.36
C HIS A 31 4.18 8.71 -3.30
N LEU A 32 2.86 8.68 -3.16
CA LEU A 32 1.98 9.51 -3.96
C LEU A 32 2.20 10.98 -3.64
N LEU A 33 2.42 11.80 -4.66
CA LEU A 33 2.63 13.22 -4.46
C LEU A 33 1.34 14.00 -4.55
N THR A 34 0.54 13.70 -5.58
CA THR A 34 -0.71 14.42 -5.83
C THR A 34 -1.48 13.72 -6.94
N LYS A 35 -2.79 13.95 -6.96
CA LYS A 35 -3.62 13.48 -8.07
C LYS A 35 -3.77 14.54 -9.16
N SER A 36 -3.21 15.73 -8.93
CA SER A 36 -3.22 16.81 -9.92
C SER A 36 -2.42 16.42 -11.16
N PRO A 37 -2.93 16.77 -12.35
CA PRO A 37 -2.18 16.54 -13.59
C PRO A 37 -1.04 17.52 -13.80
N SER A 38 -0.91 18.52 -12.92
CA SER A 38 0.13 19.53 -13.04
C SER A 38 1.43 19.08 -12.37
N LEU A 39 2.47 18.90 -13.17
CA LEU A 39 3.79 18.49 -12.67
C LEU A 39 4.35 19.47 -11.65
N ASN A 40 4.08 20.75 -11.84
CA ASN A 40 4.52 21.76 -10.87
C ASN A 40 3.88 21.56 -9.49
N ALA A 41 2.62 21.12 -9.48
CA ALA A 41 1.94 20.84 -8.21
C ALA A 41 2.59 19.65 -7.51
N ALA A 42 2.97 18.64 -8.29
CA ALA A 42 3.69 17.48 -7.77
C ALA A 42 5.06 17.87 -7.21
N LYS A 43 5.77 18.74 -7.93
CA LYS A 43 7.07 19.22 -7.48
C LYS A 43 6.95 20.01 -6.18
N SER A 44 5.89 20.80 -6.05
CA SER A 44 5.64 21.53 -4.82
CA SER A 44 5.62 21.53 -4.81
C SER A 44 5.42 20.56 -3.66
N GLU A 45 4.58 19.55 -3.87
CA GLU A 45 4.36 18.53 -2.84
C GLU A 45 5.64 17.81 -2.47
N LEU A 46 6.48 17.50 -3.46
CA LEU A 46 7.75 16.85 -3.19
C LEU A 46 8.64 17.71 -2.29
N ASP A 47 8.80 18.98 -2.66
CA ASP A 47 9.65 19.88 -1.90
C ASP A 47 9.16 20.03 -0.46
N LYS A 48 7.85 20.08 -0.29
CA LYS A 48 7.22 20.17 1.03
C LYS A 48 7.49 18.90 1.85
N ALA A 49 7.41 17.75 1.20
CA ALA A 49 7.62 16.47 1.87
C ALA A 49 9.07 16.27 2.32
N ILE A 50 10.02 16.74 1.51
CA ILE A 50 11.44 16.51 1.78
C ILE A 50 12.06 17.65 2.59
N GLY A 51 11.52 18.86 2.43
CA GLY A 51 12.03 20.03 3.14
C GLY A 51 13.18 20.74 2.45
N ARG A 52 13.30 20.57 1.13
CA ARG A 52 14.27 21.31 0.32
C ARG A 52 13.75 21.38 -1.11
N ASN A 53 14.34 22.24 -1.93
CA ASN A 53 14.00 22.31 -3.34
CA ASN A 53 14.01 22.31 -3.34
C ASN A 53 14.66 21.14 -4.08
N CYS A 54 13.83 20.17 -4.46
CA CYS A 54 14.31 18.91 -5.03
C CYS A 54 14.39 18.88 -6.55
N ASN A 55 13.66 19.81 -7.17
CA ASN A 55 13.41 19.81 -8.62
C ASN A 55 13.16 18.42 -9.19
N GLY A 56 12.27 17.69 -8.53
CA GLY A 56 11.79 16.41 -9.02
C GLY A 56 12.66 15.19 -8.81
N VAL A 57 13.74 15.33 -8.04
CA VAL A 57 14.67 14.22 -7.80
C VAL A 57 15.05 14.13 -6.31
N ILE A 58 15.10 12.90 -5.79
CA ILE A 58 15.50 12.68 -4.40
C ILE A 58 16.58 11.59 -4.31
N THR A 59 17.15 11.44 -3.12
CA THR A 59 18.14 10.38 -2.87
C THR A 59 17.46 9.13 -2.35
N LYS A 60 18.19 8.01 -2.35
CA LYS A 60 17.67 6.78 -1.78
C LYS A 60 17.31 6.93 -0.31
N ASP A 61 18.16 7.61 0.46
CA ASP A 61 17.88 7.85 1.88
C ASP A 61 16.56 8.60 2.04
N GLU A 62 16.35 9.61 1.20
CA GLU A 62 15.11 10.40 1.26
C GLU A 62 13.89 9.55 0.91
N ALA A 63 14.03 8.71 -0.12
CA ALA A 63 12.95 7.81 -0.50
C ALA A 63 12.60 6.86 0.65
N GLU A 64 13.63 6.34 1.30
CA GLU A 64 13.44 5.42 2.41
C GLU A 64 12.81 6.12 3.62
N LYS A 65 13.15 7.38 3.82
CA LYS A 65 12.55 8.14 4.90
C LYS A 65 11.03 8.33 4.67
N LEU A 66 10.66 8.73 3.45
CA LEU A 66 9.23 8.83 3.12
C LEU A 66 8.53 7.49 3.28
N PHE A 67 9.20 6.42 2.86
CA PHE A 67 8.64 5.07 2.96
C PHE A 67 8.34 4.69 4.41
N ASN A 68 9.27 4.96 5.31
CA ASN A 68 9.04 4.66 6.71
CA ASN A 68 9.08 4.71 6.73
C ASN A 68 7.85 5.46 7.24
N GLN A 69 7.77 6.74 6.89
CA GLN A 69 6.64 7.56 7.29
C GLN A 69 5.33 7.02 6.75
N ASP A 70 5.34 6.63 5.47
CA ASP A 70 4.14 6.13 4.81
C ASP A 70 3.65 4.80 5.40
N VAL A 71 4.57 3.88 5.66
CA VAL A 71 4.21 2.58 6.26
C VAL A 71 3.61 2.80 7.66
N ASP A 72 4.30 3.62 8.46
CA ASP A 72 3.87 3.96 9.81
C ASP A 72 2.46 4.57 9.78
N ALA A 73 2.26 5.56 8.91
CA ALA A 73 0.97 6.22 8.78
C ALA A 73 -0.14 5.27 8.36
N ALA A 74 0.17 4.34 7.45
CA ALA A 74 -0.79 3.33 7.00
C ALA A 74 -1.28 2.48 8.18
N VAL A 75 -0.34 1.99 8.99
CA VAL A 75 -0.69 1.18 10.17
C VAL A 75 -1.50 1.99 11.17
N ARG A 76 -1.04 3.21 11.48
CA ARG A 76 -1.73 4.02 12.47
C ARG A 76 -3.16 4.33 12.01
N GLY A 77 -3.33 4.53 10.72
CA GLY A 77 -4.66 4.75 10.14
C GLY A 77 -5.58 3.54 10.32
N ILE A 78 -5.07 2.36 9.98
CA ILE A 78 -5.81 1.12 10.20
C ILE A 78 -6.29 1.02 11.65
N LEU A 79 -5.39 1.32 12.59
CA LEU A 79 -5.70 1.23 14.01
C LEU A 79 -6.74 2.26 14.47
N ARG A 80 -6.85 3.37 13.73
CA ARG A 80 -7.82 4.44 14.00
CA ARG A 80 -7.84 4.39 14.07
C ARG A 80 -9.18 4.19 13.35
N ASN A 81 -9.22 3.21 12.44
CA ASN A 81 -10.42 2.91 11.68
C ASN A 81 -11.28 1.84 12.36
N ALA A 82 -12.51 2.20 12.73
CA ALA A 82 -13.41 1.32 13.47
C ALA A 82 -13.76 0.03 12.74
N LYS A 83 -13.76 0.06 11.42
CA LYS A 83 -14.04 -1.14 10.61
C LYS A 83 -12.79 -2.01 10.45
N LEU A 84 -11.65 -1.38 10.28
CA LEU A 84 -10.42 -2.12 9.96
C LEU A 84 -9.71 -2.68 11.18
N LYS A 85 -9.68 -1.91 12.27
CA LYS A 85 -8.93 -2.29 13.46
C LYS A 85 -9.27 -3.70 13.99
N PRO A 86 -10.56 -4.02 14.23
CA PRO A 86 -10.82 -5.36 14.76
C PRO A 86 -10.38 -6.49 13.84
N VAL A 87 -10.48 -6.30 12.53
CA VAL A 87 -10.05 -7.32 11.58
C VAL A 87 -8.52 -7.43 11.60
N TYR A 88 -7.85 -6.29 11.52
CA TYR A 88 -6.39 -6.26 11.60
C TYR A 88 -5.88 -6.95 12.87
N ASP A 89 -6.45 -6.59 14.02
CA ASP A 89 -6.01 -7.16 15.29
C ASP A 89 -6.31 -8.65 15.40
N SER A 90 -7.28 -9.14 14.62
CA SER A 90 -7.61 -10.57 14.60
C SER A 90 -6.58 -11.41 13.83
N LEU A 91 -5.78 -10.75 12.99
CA LEU A 91 -4.84 -11.42 12.11
C LEU A 91 -3.49 -11.73 12.76
N ASP A 92 -2.83 -12.76 12.23
CA ASP A 92 -1.42 -13.04 12.51
C ASP A 92 -0.54 -11.99 11.81
N ALA A 93 0.73 -11.94 12.17
CA ALA A 93 1.64 -10.91 11.66
C ALA A 93 1.84 -10.92 10.15
N VAL A 94 1.86 -12.09 9.53
CA VAL A 94 2.06 -12.15 8.07
C VAL A 94 0.85 -11.57 7.35
N ARG A 95 -0.35 -11.99 7.73
CA ARG A 95 -1.56 -11.44 7.13
C ARG A 95 -1.74 -9.96 7.44
N ARG A 96 -1.28 -9.51 8.60
CA ARG A 96 -1.25 -8.08 8.89
C ARG A 96 -0.44 -7.31 7.85
N CYS A 97 0.65 -7.90 7.37
CA CYS A 97 1.43 -7.26 6.30
C CYS A 97 0.64 -7.12 5.02
N ALA A 98 -0.13 -8.13 4.68
CA ALA A 98 -1.00 -8.06 3.49
C ALA A 98 -2.02 -6.93 3.63
N ALA A 99 -2.56 -6.76 4.84
CA ALA A 99 -3.50 -5.68 5.13
C ALA A 99 -2.85 -4.31 4.95
N ILE A 100 -1.64 -4.15 5.50
CA ILE A 100 -0.91 -2.89 5.34
C ILE A 100 -0.62 -2.59 3.87
N ASN A 101 -0.22 -3.63 3.14
CA ASN A 101 0.10 -3.51 1.73
C ASN A 101 -1.10 -2.96 0.96
N GLN A 102 -2.27 -3.57 1.15
CA GLN A 102 -3.46 -3.13 0.45
C GLN A 102 -3.84 -1.69 0.79
N VAL A 103 -3.76 -1.32 2.06
CA VAL A 103 -4.10 0.05 2.46
C VAL A 103 -3.08 1.05 1.90
N PHE A 104 -1.81 0.67 1.88
CA PHE A 104 -0.75 1.49 1.29
C PHE A 104 -1.08 1.80 -0.18
N GLN A 105 -1.53 0.79 -0.91
CA GLN A 105 -1.82 0.96 -2.33
C GLN A 105 -3.14 1.71 -2.57
N MET A 106 -4.18 1.34 -1.84
CA MET A 106 -5.56 1.74 -2.15
C MET A 106 -6.06 2.88 -1.30
N GLY A 107 -5.43 3.09 -0.16
CA GLY A 107 -5.97 4.01 0.81
C GLY A 107 -7.02 3.33 1.66
N GLU A 108 -7.22 3.89 2.83
CA GLU A 108 -7.97 3.25 3.89
C GLU A 108 -9.47 3.21 3.63
N THR A 109 -10.01 4.27 3.04
CA THR A 109 -11.44 4.36 2.80
C THR A 109 -11.93 3.23 1.90
N GLY A 110 -11.24 3.05 0.77
CA GLY A 110 -11.57 1.99 -0.17
C GLY A 110 -11.61 0.63 0.50
N VAL A 111 -10.54 0.29 1.20
CA VAL A 111 -10.43 -0.99 1.89
C VAL A 111 -11.52 -1.16 2.96
N ALA A 112 -11.80 -0.10 3.70
CA ALA A 112 -12.83 -0.15 4.74
C ALA A 112 -14.19 -0.56 4.19
N GLY A 113 -14.37 -0.40 2.88
CA GLY A 113 -15.62 -0.76 2.21
C GLY A 113 -15.67 -2.19 1.69
N PHE A 114 -14.58 -2.94 1.92
CA PHE A 114 -14.49 -4.36 1.53
C PHE A 114 -15.23 -5.19 2.59
N THR A 115 -16.49 -4.83 2.85
CA THR A 115 -17.23 -5.36 4.01
C THR A 115 -17.25 -6.89 4.08
N ASN A 116 -17.54 -7.53 2.96
CA ASN A 116 -17.64 -8.98 2.94
C ASN A 116 -16.28 -9.67 3.09
N SER A 117 -15.25 -9.13 2.43
CA SER A 117 -13.89 -9.66 2.58
CA SER A 117 -13.89 -9.65 2.57
C SER A 117 -13.41 -9.53 4.02
N LEU A 118 -13.67 -8.37 4.62
CA LEU A 118 -13.28 -8.11 6.00
C LEU A 118 -13.90 -9.12 6.96
N ARG A 119 -15.19 -9.38 6.78
CA ARG A 119 -15.91 -10.35 7.62
C ARG A 119 -15.31 -11.74 7.45
N MET A 120 -15.07 -12.15 6.21
CA MET A 120 -14.48 -13.47 5.95
C MET A 120 -13.09 -13.59 6.57
N LEU A 121 -12.31 -12.53 6.49
CA LEU A 121 -10.98 -12.52 7.08
C LEU A 121 -11.04 -12.64 8.60
N GLN A 122 -11.94 -11.88 9.23
CA GLN A 122 -12.08 -12.00 10.69
C GLN A 122 -12.55 -13.39 11.11
N GLN A 123 -13.38 -14.02 10.27
CA GLN A 123 -13.84 -15.38 10.50
C GLN A 123 -12.78 -16.43 10.17
N LYS A 124 -11.67 -16.02 9.57
CA LYS A 124 -10.58 -16.93 9.17
C LYS A 124 -11.05 -17.94 8.12
N ARG A 125 -11.96 -17.50 7.27
CA ARG A 125 -12.43 -18.27 6.14
C ARG A 125 -11.55 -17.89 4.96
N TRP A 126 -10.34 -18.44 4.96
CA TRP A 126 -9.28 -17.89 4.12
C TRP A 126 -9.50 -18.06 2.62
N ASP A 127 -9.97 -19.24 2.20
CA ASP A 127 -10.19 -19.45 0.76
C ASP A 127 -11.34 -18.59 0.26
N GLU A 128 -12.41 -18.51 1.05
CA GLU A 128 -13.55 -17.67 0.72
C GLU A 128 -13.16 -16.20 0.65
N ALA A 129 -12.39 -15.74 1.64
CA ALA A 129 -11.90 -14.36 1.63
C ALA A 129 -11.09 -14.07 0.36
N ALA A 130 -10.21 -15.01 0.01
CA ALA A 130 -9.37 -14.85 -1.17
C ALA A 130 -10.19 -14.74 -2.46
N VAL A 131 -11.24 -15.55 -2.56
CA VAL A 131 -12.15 -15.48 -3.71
C VAL A 131 -12.84 -14.11 -3.75
N ASN A 132 -13.31 -13.65 -2.59
CA ASN A 132 -14.02 -12.38 -2.55
C ASN A 132 -13.12 -11.18 -2.86
N LEU A 133 -11.88 -11.23 -2.38
CA LEU A 133 -10.92 -10.16 -2.58
C LEU A 133 -10.63 -9.92 -4.08
N ALA A 134 -10.67 -10.99 -4.86
CA ALA A 134 -10.36 -10.92 -6.29
C ALA A 134 -11.51 -10.34 -7.13
N LYS A 135 -12.71 -10.28 -6.55
CA LYS A 135 -13.86 -9.69 -7.23
CA LYS A 135 -13.87 -9.69 -7.21
C LYS A 135 -13.84 -8.18 -6.99
N SER A 136 -12.87 -7.51 -7.60
CA SER A 136 -12.60 -6.12 -7.29
C SER A 136 -11.92 -5.41 -8.44
N ARG A 137 -12.14 -4.10 -8.53
CA ARG A 137 -11.37 -3.26 -9.43
C ARG A 137 -9.88 -3.42 -9.12
N TRP A 138 -9.56 -3.44 -7.83
CA TRP A 138 -8.18 -3.62 -7.38
C TRP A 138 -7.50 -4.78 -8.09
N TYR A 139 -8.11 -5.96 -8.02
CA TYR A 139 -7.55 -7.13 -8.64
C TYR A 139 -7.45 -6.96 -10.16
N ASN A 140 -8.52 -6.48 -10.79
CA ASN A 140 -8.52 -6.37 -12.24
C ASN A 140 -7.49 -5.39 -12.79
N GLN A 141 -7.25 -4.30 -12.06
CA GLN A 141 -6.31 -3.28 -12.53
C GLN A 141 -4.86 -3.63 -12.22
N THR A 142 -4.61 -4.29 -11.11
CA THR A 142 -3.25 -4.72 -10.74
C THR A 142 -3.28 -6.20 -10.35
N PRO A 143 -3.53 -7.09 -11.32
CA PRO A 143 -3.72 -8.50 -10.96
C PRO A 143 -2.49 -9.22 -10.42
N ASN A 144 -1.30 -8.95 -10.95
CA ASN A 144 -0.15 -9.69 -10.46
C ASN A 144 0.18 -9.34 -9.01
N ARG A 145 0.09 -8.06 -8.67
CA ARG A 145 0.30 -7.63 -7.30
C ARG A 145 -0.83 -8.11 -6.39
N ALA A 146 -2.08 -7.95 -6.84
CA ALA A 146 -3.21 -8.40 -6.03
C ALA A 146 -3.13 -9.90 -5.77
N LYS A 147 -2.71 -10.68 -6.76
CA LYS A 147 -2.55 -12.12 -6.56
C LYS A 147 -1.55 -12.42 -5.45
N ARG A 148 -0.44 -11.67 -5.40
CA ARG A 148 0.55 -11.86 -4.34
C ARG A 148 -0.03 -11.54 -2.97
N VAL A 149 -0.74 -10.42 -2.90
CA VAL A 149 -1.33 -9.98 -1.63
C VAL A 149 -2.41 -10.96 -1.18
N ILE A 150 -3.23 -11.41 -2.13
CA ILE A 150 -4.28 -12.37 -1.83
C ILE A 150 -3.71 -13.71 -1.38
N THR A 151 -2.65 -14.19 -2.04
CA THR A 151 -2.00 -15.42 -1.58
C THR A 151 -1.51 -15.28 -0.15
N THR A 152 -0.99 -14.11 0.19
CA THR A 152 -0.53 -13.84 1.54
C THR A 152 -1.69 -13.91 2.53
N PHE A 153 -2.83 -13.30 2.19
CA PHE A 153 -4.05 -13.43 3.00
C PHE A 153 -4.55 -14.88 3.07
N ARG A 154 -4.42 -15.62 1.97
CA ARG A 154 -4.98 -16.97 1.94
C ARG A 154 -4.16 -17.92 2.82
N THR A 155 -2.84 -17.77 2.78
CA THR A 155 -1.92 -18.76 3.37
C THR A 155 -1.26 -18.34 4.67
N GLY A 156 -1.14 -17.05 4.92
CA GLY A 156 -0.36 -16.56 6.05
C GLY A 156 1.11 -16.93 5.93
N THR A 157 1.57 -17.12 4.70
CA THR A 157 2.98 -17.37 4.42
C THR A 157 3.49 -16.34 3.44
N TRP A 158 4.80 -16.32 3.26
CA TRP A 158 5.44 -15.42 2.32
C TRP A 158 5.70 -16.06 0.96
N ASP A 159 5.00 -17.15 0.65
CA ASP A 159 5.26 -17.90 -0.57
C ASP A 159 5.23 -17.05 -1.84
N ALA A 160 4.35 -16.06 -1.89
CA ALA A 160 4.20 -15.24 -3.09
C ALA A 160 5.35 -14.25 -3.32
N TYR A 161 6.20 -14.07 -2.30
CA TYR A 161 7.29 -13.09 -2.36
C TYR A 161 8.68 -13.71 -2.46
N LYS A 162 8.73 -15.03 -2.70
CA LYS A 162 9.96 -15.76 -3.02
C LYS A 162 11.17 -15.29 -2.22
#